data_2LBG
#
_entry.id   2LBG
#
_entity_poly.entity_id   1
_entity_poly.type   'polypeptide(L)'
_entity_poly.pdbx_seq_one_letter_code
;KHMAGAAAAGAVVGGLGGYMLGSAMSR
;
_entity_poly.pdbx_strand_id   A
#
# COMPACT_ATOMS: atom_id res chain seq x y z
N LYS A 1 19.27 -8.86 1.75
CA LYS A 1 18.48 -8.16 0.75
C LYS A 1 17.00 -8.18 1.09
N HIS A 2 16.68 -7.83 2.33
CA HIS A 2 15.30 -7.82 2.80
C HIS A 2 14.55 -6.62 2.21
N MET A 3 15.25 -5.83 1.40
CA MET A 3 14.65 -4.66 0.78
C MET A 3 13.55 -5.06 -0.20
N ALA A 4 13.73 -6.22 -0.83
CA ALA A 4 12.76 -6.72 -1.79
C ALA A 4 11.48 -7.18 -1.10
N GLY A 5 11.64 -7.80 0.07
CA GLY A 5 10.49 -8.28 0.81
C GLY A 5 9.69 -7.16 1.45
N ALA A 6 10.39 -6.23 2.09
CA ALA A 6 9.74 -5.10 2.73
C ALA A 6 9.10 -4.16 1.70
N ALA A 7 9.78 -4.01 0.57
CA ALA A 7 9.29 -3.14 -0.50
C ALA A 7 8.06 -3.76 -1.18
N ALA A 8 8.11 -5.07 -1.40
CA ALA A 8 7.00 -5.78 -2.04
C ALA A 8 5.76 -5.76 -1.15
N ALA A 9 5.94 -6.07 0.12
CA ALA A 9 4.83 -6.09 1.06
C ALA A 9 4.32 -4.68 1.34
N GLY A 10 5.24 -3.72 1.41
CA GLY A 10 4.86 -2.35 1.66
C GLY A 10 4.18 -1.70 0.48
N ALA A 11 4.63 -2.06 -0.73
CA ALA A 11 4.04 -1.51 -1.95
C ALA A 11 2.64 -2.03 -2.18
N VAL A 12 2.46 -3.34 -1.97
CA VAL A 12 1.16 -3.97 -2.15
C VAL A 12 0.15 -3.44 -1.15
N VAL A 13 0.49 -3.52 0.13
CA VAL A 13 -0.38 -3.05 1.20
C VAL A 13 -0.66 -1.56 1.07
N GLY A 14 0.38 -0.81 0.71
CA GLY A 14 0.24 0.63 0.56
C GLY A 14 -0.71 1.00 -0.57
N GLY A 15 -0.74 0.17 -1.61
CA GLY A 15 -1.61 0.43 -2.73
C GLY A 15 -3.08 0.21 -2.41
N LEU A 16 -3.38 -0.94 -1.83
CA LEU A 16 -4.76 -1.28 -1.47
C LEU A 16 -5.22 -0.45 -0.29
N GLY A 17 -4.33 -0.28 0.69
CA GLY A 17 -4.67 0.49 1.88
C GLY A 17 -4.82 1.97 1.58
N GLY A 18 -3.94 2.49 0.73
CA GLY A 18 -4.00 3.90 0.39
C GLY A 18 -5.23 4.25 -0.42
N TYR A 19 -5.70 3.30 -1.23
CA TYR A 19 -6.88 3.51 -2.07
C TYR A 19 -8.14 3.55 -1.22
N MET A 20 -8.41 2.47 -0.50
CA MET A 20 -9.59 2.39 0.35
C MET A 20 -9.66 3.58 1.30
N LEU A 21 -8.65 3.73 2.14
CA LEU A 21 -8.60 4.83 3.09
C LEU A 21 -8.56 6.18 2.37
N GLY A 22 -8.07 6.16 1.14
CA GLY A 22 -7.99 7.39 0.36
C GLY A 22 -9.35 7.85 -0.12
N SER A 23 -10.08 6.96 -0.79
CA SER A 23 -11.39 7.28 -1.32
C SER A 23 -12.42 7.34 -0.20
N ALA A 24 -12.18 6.56 0.85
CA ALA A 24 -13.09 6.53 1.99
C ALA A 24 -13.12 7.87 2.71
N MET A 25 -11.95 8.45 2.93
CA MET A 25 -11.84 9.73 3.61
C MET A 25 -12.18 10.88 2.65
N SER A 26 -11.96 10.66 1.36
CA SER A 26 -12.24 11.67 0.35
C SER A 26 -13.73 11.83 0.14
N ARG A 27 -14.47 10.75 0.30
CA ARG A 27 -15.92 10.76 0.13
C ARG A 27 -16.60 9.91 1.19
N LYS A 1 19.26 -6.62 1.32
CA LYS A 1 18.65 -7.71 0.56
C LYS A 1 17.17 -7.84 0.90
N HIS A 2 16.81 -7.50 2.14
CA HIS A 2 15.42 -7.58 2.57
C HIS A 2 14.60 -6.45 1.97
N MET A 3 15.25 -5.61 1.17
CA MET A 3 14.57 -4.48 0.52
C MET A 3 13.52 -4.98 -0.46
N ALA A 4 13.74 -6.16 -1.02
CA ALA A 4 12.81 -6.74 -1.97
C ALA A 4 11.52 -7.18 -1.29
N GLY A 5 11.65 -7.75 -0.09
CA GLY A 5 10.49 -8.21 0.64
C GLY A 5 9.68 -7.06 1.22
N ALA A 6 10.37 -6.10 1.83
CA ALA A 6 9.70 -4.94 2.43
C ALA A 6 9.07 -4.07 1.36
N ALA A 7 9.74 -3.96 0.22
CA ALA A 7 9.25 -3.15 -0.89
C ALA A 7 8.03 -3.79 -1.54
N ALA A 8 8.10 -5.12 -1.71
CA ALA A 8 7.00 -5.87 -2.32
C ALA A 8 5.75 -5.83 -1.45
N ALA A 9 5.93 -6.08 -0.16
CA ALA A 9 4.82 -6.07 0.79
C ALA A 9 4.28 -4.65 0.99
N GLY A 10 5.19 -3.68 1.00
CA GLY A 10 4.79 -2.30 1.20
C GLY A 10 4.11 -1.72 -0.03
N ALA A 11 4.57 -2.11 -1.21
CA ALA A 11 4.00 -1.63 -2.46
C ALA A 11 2.60 -2.19 -2.67
N VAL A 12 2.43 -3.49 -2.40
CA VAL A 12 1.14 -4.14 -2.57
C VAL A 12 0.11 -3.59 -1.58
N VAL A 13 0.47 -3.61 -0.31
CA VAL A 13 -0.43 -3.11 0.74
C VAL A 13 -0.73 -1.63 0.54
N GLY A 14 0.30 -0.87 0.16
CA GLY A 14 0.14 0.55 -0.06
C GLY A 14 -0.81 0.86 -1.21
N GLY A 15 -0.82 -0.01 -2.21
CA GLY A 15 -1.69 0.19 -3.36
C GLY A 15 -3.15 -0.04 -3.02
N LEU A 16 -3.44 -1.18 -2.40
CA LEU A 16 -4.82 -1.52 -2.03
C LEU A 16 -5.29 -0.65 -0.88
N GLY A 17 -4.42 -0.43 0.10
CA GLY A 17 -4.78 0.39 1.24
C GLY A 17 -4.95 1.85 0.88
N GLY A 18 -4.07 2.36 0.02
CA GLY A 18 -4.15 3.74 -0.40
C GLY A 18 -5.38 4.03 -1.23
N TYR A 19 -5.82 3.04 -1.99
CA TYR A 19 -7.00 3.20 -2.84
C TYR A 19 -8.28 3.27 -2.00
N MET A 20 -8.53 2.20 -1.24
CA MET A 20 -9.71 2.14 -0.39
C MET A 20 -9.81 3.38 0.50
N LEU A 21 -8.80 3.58 1.34
CA LEU A 21 -8.77 4.72 2.25
C LEU A 21 -8.76 6.03 1.46
N GLY A 22 -8.25 5.98 0.24
CA GLY A 22 -8.19 7.17 -0.59
C GLY A 22 -9.56 7.58 -1.11
N SER A 23 -10.26 6.65 -1.74
CA SER A 23 -11.59 6.93 -2.28
C SER A 23 -12.63 7.01 -1.17
N ALA A 24 -12.38 6.29 -0.08
CA ALA A 24 -13.29 6.29 1.06
C ALA A 24 -13.34 7.66 1.72
N MET A 25 -12.18 8.27 1.91
CA MET A 25 -12.10 9.58 2.53
C MET A 25 -12.45 10.68 1.53
N SER A 26 -12.21 10.41 0.26
CA SER A 26 -12.50 11.37 -0.80
C SER A 26 -14.01 11.51 -1.03
N ARG A 27 -14.73 10.40 -0.83
CA ARG A 27 -16.17 10.40 -1.01
C ARG A 27 -16.55 10.91 -2.39
N LYS A 1 19.31 -6.80 0.99
CA LYS A 1 18.66 -7.97 0.39
C LYS A 1 17.18 -8.01 0.75
N HIS A 2 16.87 -7.61 1.99
CA HIS A 2 15.49 -7.60 2.44
C HIS A 2 14.71 -6.45 1.81
N MET A 3 15.38 -5.68 0.97
CA MET A 3 14.75 -4.54 0.30
C MET A 3 13.67 -5.01 -0.67
N ALA A 4 13.86 -6.19 -1.24
CA ALA A 4 12.90 -6.76 -2.17
C ALA A 4 11.64 -7.21 -1.46
N GLY A 5 11.81 -7.78 -0.27
CA GLY A 5 10.67 -8.25 0.51
C GLY A 5 9.86 -7.11 1.09
N ALA A 6 10.54 -6.13 1.69
CA ALA A 6 9.87 -4.99 2.28
C ALA A 6 9.22 -4.12 1.22
N ALA A 7 9.88 -4.00 0.07
CA ALA A 7 9.36 -3.19 -1.02
C ALA A 7 8.15 -3.86 -1.67
N ALA A 8 8.23 -5.18 -1.84
CA ALA A 8 7.13 -5.93 -2.44
C ALA A 8 5.89 -5.90 -1.56
N ALA A 9 6.08 -6.15 -0.26
CA ALA A 9 4.98 -6.15 0.69
C ALA A 9 4.44 -4.75 0.90
N GLY A 10 5.33 -3.77 0.91
CA GLY A 10 4.93 -2.39 1.12
C GLY A 10 4.23 -1.81 -0.10
N ALA A 11 4.68 -2.20 -1.29
CA ALA A 11 4.10 -1.71 -2.52
C ALA A 11 2.69 -2.29 -2.73
N VAL A 12 2.54 -3.57 -2.46
CA VAL A 12 1.25 -4.24 -2.61
C VAL A 12 0.23 -3.69 -1.62
N VAL A 13 0.58 -3.72 -0.34
CA VAL A 13 -0.30 -3.21 0.71
C VAL A 13 -0.60 -1.73 0.51
N GLY A 14 0.42 -0.98 0.12
CA GLY A 14 0.24 0.45 -0.09
C GLY A 14 -0.72 0.76 -1.22
N GLY A 15 -0.73 -0.11 -2.24
CA GLY A 15 -1.61 0.07 -3.37
C GLY A 15 -3.06 -0.15 -3.03
N LEU A 16 -3.34 -1.29 -2.40
CA LEU A 16 -4.71 -1.64 -2.02
C LEU A 16 -5.19 -0.77 -0.87
N GLY A 17 -4.30 -0.54 0.10
CA GLY A 17 -4.65 0.28 1.25
C GLY A 17 -4.83 1.74 0.89
N GLY A 18 -3.96 2.24 0.02
CA GLY A 18 -4.05 3.64 -0.39
C GLY A 18 -5.29 3.91 -1.21
N TYR A 19 -5.74 2.92 -1.97
CA TYR A 19 -6.92 3.07 -2.82
C TYR A 19 -8.19 3.14 -1.95
N MET A 20 -8.44 2.08 -1.20
CA MET A 20 -9.61 2.01 -0.33
C MET A 20 -9.70 3.24 0.55
N LEU A 21 -8.68 3.45 1.39
CA LEU A 21 -8.65 4.59 2.29
C LEU A 21 -8.65 5.90 1.51
N GLY A 22 -8.15 5.85 0.28
CA GLY A 22 -8.10 7.03 -0.55
C GLY A 22 -9.48 7.45 -1.05
N SER A 23 -10.17 6.52 -1.68
CA SER A 23 -11.51 6.79 -2.21
C SER A 23 -12.54 6.87 -1.09
N ALA A 24 -12.28 6.16 0.00
CA ALA A 24 -13.18 6.15 1.14
C ALA A 24 -13.24 7.52 1.81
N MET A 25 -12.07 8.14 1.98
CA MET A 25 -11.99 9.45 2.60
C MET A 25 -12.35 10.54 1.60
N SER A 26 -12.13 10.27 0.32
CA SER A 26 -12.43 11.23 -0.72
C SER A 26 -13.93 11.36 -0.94
N ARG A 27 -14.65 10.26 -0.73
CA ARG A 27 -16.09 10.25 -0.90
C ARG A 27 -16.48 10.80 -2.26
N LYS A 1 18.95 -6.87 -0.03
CA LYS A 1 18.42 -8.24 -0.09
C LYS A 1 16.94 -8.27 0.27
N HIS A 2 16.65 -7.96 1.53
CA HIS A 2 15.27 -7.95 2.01
C HIS A 2 14.52 -6.73 1.48
N MET A 3 15.21 -5.92 0.69
CA MET A 3 14.61 -4.72 0.13
C MET A 3 13.50 -5.07 -0.86
N ALA A 4 13.66 -6.21 -1.54
CA ALA A 4 12.68 -6.66 -2.50
C ALA A 4 11.40 -7.15 -1.81
N GLY A 5 11.57 -7.81 -0.67
CA GLY A 5 10.43 -8.31 0.07
C GLY A 5 9.65 -7.20 0.75
N ALA A 6 10.37 -6.31 1.42
CA ALA A 6 9.73 -5.19 2.12
C ALA A 6 9.09 -4.22 1.14
N ALA A 7 9.75 -4.02 -0.01
CA ALA A 7 9.24 -3.12 -1.03
C ALA A 7 8.02 -3.70 -1.71
N ALA A 8 8.05 -5.00 -1.99
CA ALA A 8 6.93 -5.67 -2.64
C ALA A 8 5.70 -5.68 -1.75
N ALA A 9 5.89 -6.04 -0.49
CA ALA A 9 4.80 -6.09 0.48
C ALA A 9 4.29 -4.69 0.81
N GLY A 10 5.23 -3.74 0.90
CA GLY A 10 4.86 -2.37 1.20
C GLY A 10 4.17 -1.68 0.05
N ALA A 11 4.59 -1.98 -1.17
CA ALA A 11 4.01 -1.39 -2.36
C ALA A 11 2.59 -1.89 -2.59
N VAL A 12 2.40 -3.20 -2.42
CA VAL A 12 1.10 -3.82 -2.62
C VAL A 12 0.10 -3.32 -1.57
N VAL A 13 0.47 -3.46 -0.30
CA VAL A 13 -0.40 -3.02 0.78
C VAL A 13 -0.66 -1.52 0.72
N GLY A 14 0.37 -0.76 0.38
CA GLY A 14 0.24 0.68 0.28
C GLY A 14 -0.72 1.10 -0.82
N GLY A 15 -0.76 0.31 -1.89
CA GLY A 15 -1.65 0.62 -3.00
C GLY A 15 -3.11 0.40 -2.66
N LEU A 16 -3.41 -0.78 -2.13
CA LEU A 16 -4.78 -1.11 -1.76
C LEU A 16 -5.23 -0.34 -0.53
N GLY A 17 -4.33 -0.20 0.44
CA GLY A 17 -4.65 0.53 1.65
C GLY A 17 -4.80 2.02 1.42
N GLY A 18 -3.92 2.57 0.58
CA GLY A 18 -3.98 3.98 0.28
C GLY A 18 -5.21 4.37 -0.51
N TYR A 19 -5.69 3.46 -1.34
CA TYR A 19 -6.88 3.70 -2.15
C TYR A 19 -8.13 3.72 -1.28
N MET A 20 -8.40 2.62 -0.61
CA MET A 20 -9.57 2.51 0.26
C MET A 20 -9.62 3.67 1.24
N LEU A 21 -8.60 3.78 2.08
CA LEU A 21 -8.52 4.85 3.08
C LEU A 21 -8.49 6.21 2.40
N GLY A 22 -8.01 6.25 1.16
CA GLY A 22 -7.93 7.50 0.44
C GLY A 22 -9.29 7.99 -0.02
N SER A 23 -10.03 7.13 -0.72
CA SER A 23 -11.36 7.48 -1.21
C SER A 23 -12.37 7.50 -0.08
N ALA A 24 -12.13 6.69 0.95
CA ALA A 24 -13.02 6.61 2.10
C ALA A 24 -13.04 7.93 2.87
N MET A 25 -11.85 8.50 3.09
CA MET A 25 -11.73 9.75 3.81
C MET A 25 -12.06 10.93 2.92
N SER A 26 -11.86 10.76 1.60
CA SER A 26 -12.15 11.81 0.63
C SER A 26 -13.64 11.99 0.45
N ARG A 27 -14.39 10.89 0.58
CA ARG A 27 -15.84 10.93 0.42
C ARG A 27 -16.52 11.20 1.76
N LYS A 1 19.43 -8.52 2.43
CA LYS A 1 18.61 -8.31 1.24
C LYS A 1 17.13 -8.30 1.59
N HIS A 2 16.81 -7.82 2.79
CA HIS A 2 15.43 -7.75 3.24
C HIS A 2 14.68 -6.63 2.54
N MET A 3 15.36 -5.93 1.64
CA MET A 3 14.76 -4.83 0.90
C MET A 3 13.67 -5.35 -0.04
N ALA A 4 13.85 -6.57 -0.54
CA ALA A 4 12.88 -7.18 -1.43
C ALA A 4 11.61 -7.56 -0.69
N GLY A 5 11.77 -8.05 0.53
CA GLY A 5 10.62 -8.46 1.33
C GLY A 5 9.82 -7.27 1.83
N ALA A 6 10.52 -6.27 2.37
CA ALA A 6 9.86 -5.08 2.89
C ALA A 6 9.22 -4.27 1.76
N ALA A 7 9.89 -4.24 0.61
CA ALA A 7 9.39 -3.50 -0.55
C ALA A 7 8.17 -4.19 -1.15
N ALA A 8 8.23 -5.52 -1.22
CA ALA A 8 7.13 -6.30 -1.78
C ALA A 8 5.88 -6.19 -0.91
N ALA A 9 6.06 -6.36 0.40
CA ALA A 9 4.96 -6.29 1.34
C ALA A 9 4.43 -4.86 1.46
N GLY A 10 5.35 -3.89 1.42
CA GLY A 10 4.96 -2.50 1.52
C GLY A 10 4.27 -1.99 0.26
N ALA A 11 4.73 -2.46 -0.88
CA ALA A 11 4.15 -2.06 -2.16
C ALA A 11 2.74 -2.62 -2.33
N VAL A 12 2.56 -3.89 -1.98
CA VAL A 12 1.27 -4.54 -2.09
C VAL A 12 0.25 -3.92 -1.15
N VAL A 13 0.60 -3.86 0.13
CA VAL A 13 -0.28 -3.27 1.15
C VAL A 13 -0.56 -1.80 0.86
N GLY A 14 0.47 -1.09 0.42
CA GLY A 14 0.32 0.33 0.11
C GLY A 14 -0.63 0.56 -1.05
N GLY A 15 -0.66 -0.38 -2.00
CA GLY A 15 -1.53 -0.24 -3.16
C GLY A 15 -2.99 -0.44 -2.80
N LEU A 16 -3.29 -1.53 -2.10
CA LEU A 16 -4.66 -1.83 -1.70
C LEU A 16 -5.13 -0.88 -0.60
N GLY A 17 -4.25 -0.60 0.34
CA GLY A 17 -4.59 0.30 1.43
C GLY A 17 -4.75 1.74 0.97
N GLY A 18 -3.87 2.16 0.08
CA GLY A 18 -3.94 3.53 -0.42
C GLY A 18 -5.18 3.78 -1.27
N TYR A 19 -5.63 2.74 -1.97
CA TYR A 19 -6.81 2.85 -2.81
C TYR A 19 -8.08 2.99 -1.97
N MET A 20 -8.34 1.98 -1.15
CA MET A 20 -9.52 1.99 -0.29
C MET A 20 -9.59 3.27 0.52
N LEU A 21 -8.58 3.52 1.34
CA LEU A 21 -8.54 4.72 2.16
C LEU A 21 -8.51 5.97 1.30
N GLY A 22 -8.01 5.84 0.08
CA GLY A 22 -7.95 6.96 -0.83
C GLY A 22 -9.31 7.36 -1.36
N SER A 23 -10.03 6.40 -1.93
CA SER A 23 -11.35 6.66 -2.48
C SER A 23 -12.39 6.82 -1.37
N ALA A 24 -12.13 6.17 -0.25
CA ALA A 24 -13.04 6.26 0.90
C ALA A 24 -13.08 7.67 1.47
N MET A 25 -11.91 8.28 1.62
CA MET A 25 -11.81 9.63 2.14
C MET A 25 -12.16 10.66 1.07
N SER A 26 -11.93 10.30 -0.19
CA SER A 26 -12.22 11.20 -1.30
C SER A 26 -13.72 11.32 -1.53
N ARG A 27 -14.45 10.25 -1.24
CA ARG A 27 -15.89 10.25 -1.42
C ARG A 27 -16.28 10.71 -2.83
N LYS A 1 19.19 -8.85 2.12
CA LYS A 1 18.39 -8.41 0.99
C LYS A 1 16.90 -8.42 1.31
N HIS A 2 16.58 -8.06 2.56
CA HIS A 2 15.19 -8.03 3.00
C HIS A 2 14.45 -6.83 2.41
N MET A 3 15.17 -6.05 1.60
CA MET A 3 14.58 -4.87 0.97
C MET A 3 13.50 -5.27 -0.02
N ALA A 4 13.66 -6.43 -0.64
CA ALA A 4 12.69 -6.93 -1.62
C ALA A 4 11.41 -7.37 -0.93
N GLY A 5 11.55 -7.98 0.24
CA GLY A 5 10.40 -8.46 0.98
C GLY A 5 9.60 -7.32 1.60
N ALA A 6 10.31 -6.39 2.24
CA ALA A 6 9.65 -5.25 2.87
C ALA A 6 9.05 -4.32 1.83
N ALA A 7 9.73 -4.18 0.70
CA ALA A 7 9.25 -3.31 -0.36
C ALA A 7 8.03 -3.92 -1.06
N ALA A 8 8.07 -5.22 -1.27
CA ALA A 8 6.97 -5.92 -1.92
C ALA A 8 5.71 -5.89 -1.06
N ALA A 9 5.87 -6.20 0.22
CA ALA A 9 4.76 -6.21 1.17
C ALA A 9 4.25 -4.79 1.43
N GLY A 10 5.18 -3.85 1.49
CA GLY A 10 4.81 -2.46 1.75
C GLY A 10 4.15 -1.82 0.55
N ALA A 11 4.61 -2.18 -0.65
CA ALA A 11 4.05 -1.62 -1.88
C ALA A 11 2.64 -2.14 -2.12
N VAL A 12 2.45 -3.44 -1.91
CA VAL A 12 1.13 -4.06 -2.11
C VAL A 12 0.12 -3.52 -1.11
N VAL A 13 0.45 -3.60 0.18
CA VAL A 13 -0.44 -3.12 1.24
C VAL A 13 -0.69 -1.62 1.09
N GLY A 14 0.36 -0.88 0.75
CA GLY A 14 0.23 0.56 0.59
C GLY A 14 -0.70 0.93 -0.54
N GLY A 15 -0.73 0.10 -1.59
CA GLY A 15 -1.59 0.37 -2.72
C GLY A 15 -3.05 0.16 -2.41
N LEU A 16 -3.38 -0.99 -1.83
CA LEU A 16 -4.76 -1.30 -1.49
C LEU A 16 -5.22 -0.47 -0.30
N GLY A 17 -4.35 -0.31 0.68
CA GLY A 17 -4.69 0.47 1.86
C GLY A 17 -4.83 1.95 1.56
N GLY A 18 -3.92 2.47 0.72
CA GLY A 18 -3.97 3.87 0.36
C GLY A 18 -5.19 4.22 -0.47
N TYR A 19 -5.65 3.28 -1.27
CA TYR A 19 -6.82 3.50 -2.12
C TYR A 19 -8.09 3.57 -1.28
N MET A 20 -8.38 2.47 -0.57
CA MET A 20 -9.57 2.41 0.27
C MET A 20 -9.65 3.61 1.22
N LEU A 21 -8.64 3.75 2.07
CA LEU A 21 -8.58 4.86 3.01
C LEU A 21 -8.53 6.19 2.29
N GLY A 22 -8.01 6.18 1.06
CA GLY A 22 -7.93 7.40 0.28
C GLY A 22 -9.27 7.87 -0.22
N SER A 23 -10.00 6.98 -0.89
CA SER A 23 -11.31 7.32 -1.44
C SER A 23 -12.35 7.39 -0.32
N ALA A 24 -12.13 6.62 0.74
CA ALA A 24 -13.05 6.60 1.87
C ALA A 24 -13.07 7.93 2.59
N MET A 25 -11.89 8.52 2.80
CA MET A 25 -11.78 9.80 3.47
C MET A 25 -12.11 10.94 2.52
N SER A 26 -11.88 10.71 1.23
CA SER A 26 -12.15 11.72 0.21
C SER A 26 -13.65 11.89 -0.01
N ARG A 27 -14.39 10.80 0.15
CA ARG A 27 -15.83 10.82 -0.03
C ARG A 27 -16.49 11.77 0.96
N LYS A 1 19.30 -6.90 0.99
CA LYS A 1 18.59 -7.91 0.23
C LYS A 1 17.10 -7.95 0.62
N HIS A 2 16.82 -7.58 1.87
CA HIS A 2 15.45 -7.57 2.36
C HIS A 2 14.67 -6.40 1.78
N MET A 3 15.33 -5.62 0.94
CA MET A 3 14.70 -4.46 0.31
C MET A 3 13.58 -4.89 -0.64
N ALA A 4 13.76 -6.07 -1.25
CA ALA A 4 12.77 -6.60 -2.17
C ALA A 4 11.52 -7.06 -1.44
N GLY A 5 11.72 -7.66 -0.26
CA GLY A 5 10.60 -8.14 0.52
C GLY A 5 9.80 -7.02 1.15
N ALA A 6 10.50 -6.07 1.76
CA ALA A 6 9.85 -4.93 2.40
C ALA A 6 9.18 -4.03 1.37
N ALA A 7 9.82 -3.88 0.21
CA ALA A 7 9.29 -3.04 -0.86
C ALA A 7 8.06 -3.69 -1.49
N ALA A 8 8.12 -5.00 -1.69
CA ALA A 8 7.00 -5.73 -2.29
C ALA A 8 5.78 -5.72 -1.38
N ALA A 9 6.00 -6.00 -0.09
CA ALA A 9 4.92 -6.02 0.88
C ALA A 9 4.39 -4.62 1.15
N GLY A 10 5.30 -3.64 1.16
CA GLY A 10 4.91 -2.27 1.40
C GLY A 10 4.19 -1.66 0.22
N ALA A 11 4.60 -2.02 -0.99
CA ALA A 11 4.00 -1.50 -2.20
C ALA A 11 2.59 -2.06 -2.39
N VAL A 12 2.43 -3.36 -2.14
CA VAL A 12 1.13 -4.00 -2.28
C VAL A 12 0.13 -3.48 -1.26
N VAL A 13 0.52 -3.53 0.02
CA VAL A 13 -0.34 -3.06 1.09
C VAL A 13 -0.64 -1.56 0.95
N GLY A 14 0.38 -0.80 0.56
CA GLY A 14 0.21 0.62 0.37
C GLY A 14 -0.77 0.97 -0.74
N GLY A 15 -0.82 0.12 -1.76
CA GLY A 15 -1.71 0.35 -2.87
C GLY A 15 -3.17 0.11 -2.50
N LEU A 16 -3.44 -1.04 -1.90
CA LEU A 16 -4.80 -1.39 -1.49
C LEU A 16 -5.24 -0.54 -0.30
N GLY A 17 -4.34 -0.34 0.66
CA GLY A 17 -4.65 0.45 1.82
C GLY A 17 -4.83 1.91 1.50
N GLY A 18 -3.99 2.44 0.62
CA GLY A 18 -4.07 3.84 0.25
C GLY A 18 -5.33 4.16 -0.53
N TYR A 19 -5.80 3.18 -1.31
CA TYR A 19 -7.01 3.36 -2.11
C TYR A 19 -8.25 3.41 -1.23
N MET A 20 -8.48 2.33 -0.49
CA MET A 20 -9.63 2.24 0.39
C MET A 20 -9.70 3.46 1.32
N LEU A 21 -8.66 3.63 2.13
CA LEU A 21 -8.60 4.75 3.06
C LEU A 21 -8.60 6.09 2.31
N GLY A 22 -8.14 6.06 1.07
CA GLY A 22 -8.10 7.28 0.26
C GLY A 22 -9.48 7.71 -0.19
N SER A 23 -10.20 6.79 -0.83
CA SER A 23 -11.55 7.09 -1.32
C SER A 23 -12.55 7.15 -0.17
N ALA A 24 -12.27 6.40 0.89
CA ALA A 24 -13.14 6.37 2.05
C ALA A 24 -13.18 7.73 2.75
N MET A 25 -12.00 8.33 2.92
CA MET A 25 -11.90 9.63 3.57
C MET A 25 -12.28 10.75 2.61
N SER A 26 -12.08 10.50 1.31
CA SER A 26 -12.40 11.49 0.29
C SER A 26 -13.91 11.64 0.12
N ARG A 27 -14.63 10.54 0.32
CA ARG A 27 -16.08 10.54 0.19
C ARG A 27 -16.76 10.60 1.55
N LYS A 1 19.47 -7.94 2.05
CA LYS A 1 18.68 -7.80 0.84
C LYS A 1 17.19 -7.84 1.16
N HIS A 2 16.84 -7.46 2.39
CA HIS A 2 15.45 -7.47 2.83
C HIS A 2 14.69 -6.31 2.18
N MET A 3 15.38 -5.52 1.36
CA MET A 3 14.76 -4.39 0.69
C MET A 3 13.70 -4.85 -0.30
N ALA A 4 13.91 -6.02 -0.89
CA ALA A 4 12.98 -6.59 -1.86
C ALA A 4 11.69 -7.06 -1.16
N GLY A 5 11.84 -7.63 0.02
CA GLY A 5 10.69 -8.12 0.76
C GLY A 5 9.86 -6.99 1.34
N ALA A 6 10.52 -6.02 1.96
CA ALA A 6 9.83 -4.88 2.56
C ALA A 6 9.20 -4.01 1.48
N ALA A 7 9.88 -3.86 0.36
CA ALA A 7 9.39 -3.05 -0.75
C ALA A 7 8.20 -3.72 -1.43
N ALA A 8 8.28 -5.03 -1.60
CA ALA A 8 7.21 -5.79 -2.24
C ALA A 8 5.95 -5.77 -1.39
N ALA A 9 6.11 -6.04 -0.10
CA ALA A 9 4.98 -6.05 0.83
C ALA A 9 4.43 -4.65 1.04
N GLY A 10 5.32 -3.66 1.09
CA GLY A 10 4.91 -2.30 1.29
C GLY A 10 4.23 -1.70 0.06
N ALA A 11 4.72 -2.08 -1.11
CA ALA A 11 4.15 -1.58 -2.36
C ALA A 11 2.76 -2.16 -2.60
N VAL A 12 2.61 -3.45 -2.34
CA VAL A 12 1.32 -4.13 -2.54
C VAL A 12 0.27 -3.58 -1.57
N VAL A 13 0.61 -3.62 -0.27
CA VAL A 13 -0.30 -3.14 0.75
C VAL A 13 -0.61 -1.65 0.57
N GLY A 14 0.41 -0.89 0.21
CA GLY A 14 0.24 0.54 0.01
C GLY A 14 -0.69 0.85 -1.15
N GLY A 15 -0.68 -0.01 -2.16
CA GLY A 15 -1.53 0.19 -3.32
C GLY A 15 -2.99 -0.06 -3.01
N LEU A 16 -3.29 -1.20 -2.41
CA LEU A 16 -4.66 -1.55 -2.06
C LEU A 16 -5.17 -0.69 -0.90
N GLY A 17 -4.31 -0.47 0.08
CA GLY A 17 -4.69 0.33 1.24
C GLY A 17 -4.87 1.79 0.89
N GLY A 18 -3.98 2.30 0.04
CA GLY A 18 -4.07 3.70 -0.36
C GLY A 18 -5.29 3.99 -1.21
N TYR A 19 -5.71 3.01 -1.99
CA TYR A 19 -6.87 3.16 -2.85
C TYR A 19 -8.16 3.20 -2.03
N MET A 20 -8.42 2.13 -1.28
CA MET A 20 -9.61 2.05 -0.45
C MET A 20 -9.73 3.27 0.45
N LEU A 21 -8.74 3.48 1.31
CA LEU A 21 -8.74 4.61 2.23
C LEU A 21 -8.72 5.93 1.46
N GLY A 22 -8.20 5.89 0.23
CA GLY A 22 -8.13 7.09 -0.58
C GLY A 22 -9.49 7.50 -1.11
N SER A 23 -10.18 6.57 -1.77
CA SER A 23 -11.50 6.85 -2.32
C SER A 23 -12.55 6.91 -1.23
N ALA A 24 -12.31 6.18 -0.14
CA ALA A 24 -13.24 6.16 0.98
C ALA A 24 -13.32 7.52 1.66
N MET A 25 -12.16 8.14 1.87
CA MET A 25 -12.10 9.45 2.50
C MET A 25 -12.44 10.55 1.51
N SER A 26 -12.20 10.29 0.23
CA SER A 26 -12.47 11.26 -0.82
C SER A 26 -13.98 11.38 -1.06
N ARG A 27 -14.69 10.28 -0.88
CA ARG A 27 -16.12 10.27 -1.09
C ARG A 27 -16.49 10.80 -2.46
N LYS A 1 19.12 -6.79 0.62
CA LYS A 1 18.58 -8.14 0.44
C LYS A 1 17.09 -8.17 0.76
N HIS A 2 16.75 -7.81 2.01
CA HIS A 2 15.36 -7.80 2.44
C HIS A 2 14.61 -6.61 1.85
N MET A 3 15.32 -5.82 1.05
CA MET A 3 14.72 -4.65 0.41
C MET A 3 13.65 -5.05 -0.58
N ALA A 4 13.83 -6.22 -1.21
CA ALA A 4 12.88 -6.72 -2.19
C ALA A 4 11.60 -7.19 -1.51
N GLY A 5 11.74 -7.80 -0.33
CA GLY A 5 10.58 -8.29 0.39
C GLY A 5 9.77 -7.16 1.00
N ALA A 6 10.45 -6.23 1.66
CA ALA A 6 9.79 -5.10 2.29
C ALA A 6 9.18 -4.16 1.25
N ALA A 7 9.86 -4.01 0.12
CA ALA A 7 9.38 -3.15 -0.96
C ALA A 7 8.17 -3.77 -1.66
N ALA A 8 8.23 -5.08 -1.88
CA ALA A 8 7.14 -5.79 -2.52
C ALA A 8 5.88 -5.78 -1.66
N ALA A 9 6.04 -6.08 -0.38
CA ALA A 9 4.91 -6.11 0.55
C ALA A 9 4.39 -4.70 0.81
N GLY A 10 5.31 -3.74 0.88
CA GLY A 10 4.92 -2.37 1.12
C GLY A 10 4.25 -1.72 -0.07
N ALA A 11 4.73 -2.07 -1.27
CA ALA A 11 4.17 -1.53 -2.50
C ALA A 11 2.76 -2.06 -2.75
N VAL A 12 2.58 -3.37 -2.53
CA VAL A 12 1.28 -4.00 -2.74
C VAL A 12 0.25 -3.48 -1.75
N VAL A 13 0.59 -3.55 -0.46
CA VAL A 13 -0.31 -3.08 0.58
C VAL A 13 -0.59 -1.59 0.45
N GLY A 14 0.46 -0.83 0.11
CA GLY A 14 0.30 0.60 -0.04
C GLY A 14 -0.62 0.97 -1.19
N GLY A 15 -0.63 0.14 -2.23
CA GLY A 15 -1.49 0.39 -3.38
C GLY A 15 -2.95 0.17 -3.07
N LEU A 16 -3.27 -0.98 -2.50
CA LEU A 16 -4.64 -1.32 -2.15
C LEU A 16 -5.13 -0.50 -0.97
N GLY A 17 -4.27 -0.33 0.02
CA GLY A 17 -4.62 0.45 1.19
C GLY A 17 -4.77 1.93 0.89
N GLY A 18 -3.88 2.45 0.06
CA GLY A 18 -3.93 3.86 -0.29
C GLY A 18 -5.16 4.20 -1.13
N TYR A 19 -5.61 3.25 -1.94
CA TYR A 19 -6.76 3.45 -2.79
C TYR A 19 -8.05 3.50 -1.96
N MET A 20 -8.33 2.41 -1.25
CA MET A 20 -9.51 2.33 -0.41
C MET A 20 -9.61 3.53 0.52
N LEU A 21 -8.61 3.68 1.39
CA LEU A 21 -8.57 4.78 2.33
C LEU A 21 -8.54 6.12 1.60
N GLY A 22 -8.01 6.12 0.39
CA GLY A 22 -7.93 7.33 -0.39
C GLY A 22 -9.28 7.80 -0.90
N SER A 23 -10.00 6.90 -1.58
CA SER A 23 -11.30 7.22 -2.13
C SER A 23 -12.35 7.27 -1.02
N ALA A 24 -12.13 6.50 0.04
CA ALA A 24 -13.05 6.47 1.16
C ALA A 24 -13.10 7.81 1.88
N MET A 25 -11.93 8.40 2.11
CA MET A 25 -11.83 9.68 2.78
C MET A 25 -12.16 10.82 1.83
N SER A 26 -11.92 10.60 0.54
CA SER A 26 -12.19 11.61 -0.48
C SER A 26 -13.68 11.77 -0.71
N ARG A 27 -14.41 10.67 -0.56
CA ARG A 27 -15.86 10.68 -0.76
C ARG A 27 -16.22 11.20 -2.15
N LYS A 1 19.05 -7.14 1.12
CA LYS A 1 18.34 -8.15 0.34
C LYS A 1 16.86 -8.19 0.69
N HIS A 2 16.55 -7.86 1.94
CA HIS A 2 15.17 -7.85 2.41
C HIS A 2 14.42 -6.65 1.86
N MET A 3 15.11 -5.84 1.06
CA MET A 3 14.50 -4.66 0.46
C MET A 3 13.40 -5.04 -0.52
N ALA A 4 13.58 -6.18 -1.18
CA ALA A 4 12.60 -6.66 -2.15
C ALA A 4 11.33 -7.14 -1.45
N GLY A 5 11.49 -7.79 -0.29
CA GLY A 5 10.35 -8.29 0.45
C GLY A 5 9.56 -7.18 1.10
N ALA A 6 10.26 -6.26 1.76
CA ALA A 6 9.61 -5.14 2.44
C ALA A 6 8.97 -4.18 1.43
N ALA A 7 9.63 -4.01 0.28
CA ALA A 7 9.14 -3.12 -0.76
C ALA A 7 7.90 -3.72 -1.44
N ALA A 8 7.95 -5.02 -1.69
CA ALA A 8 6.86 -5.72 -2.34
C ALA A 8 5.61 -5.72 -1.45
N ALA A 9 5.80 -6.06 -0.17
CA ALA A 9 4.69 -6.11 0.77
C ALA A 9 4.18 -4.70 1.08
N GLY A 10 5.10 -3.75 1.16
CA GLY A 10 4.72 -2.37 1.45
C GLY A 10 4.03 -1.71 0.27
N ALA A 11 4.47 -2.03 -0.94
CA ALA A 11 3.89 -1.45 -2.14
C ALA A 11 2.47 -1.98 -2.38
N VAL A 12 2.30 -3.28 -2.19
CA VAL A 12 1.00 -3.91 -2.38
C VAL A 12 -0.01 -3.41 -1.35
N VAL A 13 0.35 -3.52 -0.08
CA VAL A 13 -0.52 -3.07 1.01
C VAL A 13 -0.80 -1.57 0.90
N GLY A 14 0.24 -0.81 0.56
CA GLY A 14 0.08 0.63 0.44
C GLY A 14 -0.87 1.02 -0.68
N GLY A 15 -0.90 0.21 -1.73
CA GLY A 15 -1.78 0.50 -2.85
C GLY A 15 -3.23 0.27 -2.53
N LEU A 16 -3.54 -0.90 -1.98
CA LEU A 16 -4.91 -1.24 -1.61
C LEU A 16 -5.36 -0.44 -0.40
N GLY A 17 -4.48 -0.29 0.58
CA GLY A 17 -4.81 0.46 1.78
C GLY A 17 -4.96 1.94 1.51
N GLY A 18 -4.09 2.48 0.67
CA GLY A 18 -4.15 3.90 0.35
C GLY A 18 -5.39 4.26 -0.45
N TYR A 19 -5.86 3.32 -1.27
CA TYR A 19 -7.03 3.55 -2.09
C TYR A 19 -8.29 3.58 -1.23
N MET A 20 -8.57 2.48 -0.54
CA MET A 20 -9.73 2.38 0.32
C MET A 20 -9.81 3.56 1.29
N LEU A 21 -8.79 3.69 2.13
CA LEU A 21 -8.73 4.77 3.10
C LEU A 21 -8.70 6.13 2.40
N GLY A 22 -8.21 6.15 1.17
CA GLY A 22 -8.14 7.38 0.42
C GLY A 22 -9.50 7.85 -0.05
N SER A 23 -10.23 6.98 -0.74
CA SER A 23 -11.55 7.32 -1.25
C SER A 23 -12.57 7.34 -0.12
N ALA A 24 -12.32 6.55 0.92
CA ALA A 24 -13.22 6.48 2.06
C ALA A 24 -13.26 7.81 2.81
N MET A 25 -12.08 8.39 3.03
CA MET A 25 -11.98 9.66 3.73
C MET A 25 -12.31 10.83 2.80
N SER A 26 -12.10 10.63 1.51
CA SER A 26 -12.38 11.67 0.52
C SER A 26 -13.89 11.83 0.32
N ARG A 27 -14.62 10.73 0.47
CA ARG A 27 -16.07 10.76 0.30
C ARG A 27 -16.77 11.00 1.63
N LYS A 1 19.24 -6.91 1.11
CA LYS A 1 18.53 -7.91 0.33
C LYS A 1 17.05 -7.95 0.71
N HIS A 2 16.76 -7.58 1.95
CA HIS A 2 15.38 -7.57 2.45
C HIS A 2 14.61 -6.39 1.87
N MET A 3 15.28 -5.60 1.03
CA MET A 3 14.65 -4.45 0.41
C MET A 3 13.54 -4.88 -0.55
N ALA A 4 13.71 -6.04 -1.17
CA ALA A 4 12.73 -6.56 -2.10
C ALA A 4 11.47 -7.03 -1.37
N GLY A 5 11.67 -7.64 -0.19
CA GLY A 5 10.54 -8.12 0.58
C GLY A 5 9.74 -7.00 1.21
N ALA A 6 10.44 -6.05 1.83
CA ALA A 6 9.80 -4.92 2.47
C ALA A 6 9.13 -4.00 1.45
N ALA A 7 9.78 -3.85 0.29
CA ALA A 7 9.25 -3.01 -0.78
C ALA A 7 8.02 -3.65 -1.42
N ALA A 8 8.07 -4.96 -1.63
CA ALA A 8 6.97 -5.69 -2.23
C ALA A 8 5.74 -5.67 -1.32
N ALA A 9 5.96 -5.96 -0.04
CA ALA A 9 4.86 -5.99 0.92
C ALA A 9 4.34 -4.57 1.20
N GLY A 10 5.26 -3.60 1.22
CA GLY A 10 4.87 -2.23 1.47
C GLY A 10 4.15 -1.61 0.28
N ALA A 11 4.57 -1.96 -0.92
CA ALA A 11 3.97 -1.44 -2.14
C ALA A 11 2.55 -1.99 -2.33
N VAL A 12 2.39 -3.29 -2.09
CA VAL A 12 1.10 -3.93 -2.24
C VAL A 12 0.11 -3.41 -1.22
N VAL A 13 0.48 -3.48 0.06
CA VAL A 13 -0.38 -3.00 1.13
C VAL A 13 -0.67 -1.50 0.99
N GLY A 14 0.35 -0.75 0.61
CA GLY A 14 0.18 0.68 0.43
C GLY A 14 -0.79 1.03 -0.67
N GLY A 15 -0.84 0.19 -1.71
CA GLY A 15 -1.73 0.43 -2.82
C GLY A 15 -3.18 0.20 -2.45
N LEU A 16 -3.47 -0.96 -1.86
CA LEU A 16 -4.83 -1.30 -1.47
C LEU A 16 -5.27 -0.46 -0.27
N GLY A 17 -4.37 -0.28 0.69
CA GLY A 17 -4.69 0.51 1.86
C GLY A 17 -4.87 1.98 1.55
N GLY A 18 -4.01 2.51 0.68
CA GLY A 18 -4.09 3.91 0.31
C GLY A 18 -5.34 4.23 -0.47
N TYR A 19 -5.82 3.26 -1.25
CA TYR A 19 -7.01 3.45 -2.07
C TYR A 19 -8.25 3.50 -1.19
N MET A 20 -8.50 2.42 -0.46
CA MET A 20 -9.66 2.34 0.42
C MET A 20 -9.73 3.54 1.35
N LEU A 21 -8.69 3.71 2.17
CA LEU A 21 -8.63 4.82 3.11
C LEU A 21 -8.63 6.16 2.37
N GLY A 22 -8.15 6.14 1.13
CA GLY A 22 -8.11 7.35 0.33
C GLY A 22 -9.49 7.80 -0.13
N SER A 23 -10.21 6.88 -0.77
CA SER A 23 -11.55 7.20 -1.27
C SER A 23 -12.55 7.25 -0.12
N ALA A 24 -12.28 6.49 0.93
CA ALA A 24 -13.16 6.46 2.09
C ALA A 24 -13.19 7.82 2.80
N MET A 25 -12.02 8.41 2.98
CA MET A 25 -11.92 9.71 3.64
C MET A 25 -12.28 10.83 2.68
N SER A 26 -12.09 10.59 1.39
CA SER A 26 -12.40 11.59 0.37
C SER A 26 -13.91 11.74 0.19
N ARG A 27 -14.62 10.64 0.38
CA ARG A 27 -16.08 10.65 0.23
C ARG A 27 -16.72 9.65 1.19
N LYS A 1 19.39 -8.74 1.61
CA LYS A 1 18.59 -8.03 0.62
C LYS A 1 17.11 -8.05 0.99
N HIS A 2 16.81 -7.68 2.23
CA HIS A 2 15.44 -7.66 2.70
C HIS A 2 14.66 -6.48 2.11
N MET A 3 15.35 -5.71 1.26
CA MET A 3 14.73 -4.54 0.62
C MET A 3 13.63 -4.98 -0.33
N ALA A 4 13.80 -6.16 -0.93
CA ALA A 4 12.82 -6.69 -1.88
C ALA A 4 11.56 -7.15 -1.15
N GLY A 5 11.74 -7.73 0.02
CA GLY A 5 10.61 -8.21 0.80
C GLY A 5 9.81 -7.07 1.41
N ALA A 6 10.50 -6.12 2.02
CA ALA A 6 9.86 -4.98 2.65
C ALA A 6 9.20 -4.08 1.61
N ALA A 7 9.85 -3.94 0.46
CA ALA A 7 9.34 -3.12 -0.62
C ALA A 7 8.11 -3.75 -1.27
N ALA A 8 8.16 -5.06 -1.46
CA ALA A 8 7.06 -5.80 -2.07
C ALA A 8 5.83 -5.77 -1.17
N ALA A 9 6.03 -6.04 0.11
CA ALA A 9 4.94 -6.06 1.08
C ALA A 9 4.41 -4.65 1.32
N GLY A 10 5.33 -3.68 1.34
CA GLY A 10 4.94 -2.30 1.58
C GLY A 10 4.23 -1.68 0.39
N ALA A 11 4.67 -2.06 -0.82
CA ALA A 11 4.08 -1.55 -2.04
C ALA A 11 2.67 -2.09 -2.24
N VAL A 12 2.49 -3.39 -1.99
CA VAL A 12 1.20 -4.04 -2.15
C VAL A 12 0.20 -3.49 -1.14
N VAL A 13 0.56 -3.54 0.14
CA VAL A 13 -0.31 -3.06 1.20
C VAL A 13 -0.60 -1.57 1.05
N GLY A 14 0.43 -0.81 0.66
CA GLY A 14 0.27 0.62 0.47
C GLY A 14 -0.70 0.95 -0.65
N GLY A 15 -0.72 0.10 -1.67
CA GLY A 15 -1.61 0.33 -2.80
C GLY A 15 -3.07 0.10 -2.45
N LEU A 16 -3.36 -1.04 -1.84
CA LEU A 16 -4.73 -1.38 -1.45
C LEU A 16 -5.18 -0.52 -0.27
N GLY A 17 -4.29 -0.33 0.69
CA GLY A 17 -4.61 0.47 1.86
C GLY A 17 -4.78 1.94 1.53
N GLY A 18 -3.92 2.45 0.66
CA GLY A 18 -3.99 3.86 0.27
C GLY A 18 -5.24 4.17 -0.53
N TYR A 19 -5.71 3.19 -1.30
CA TYR A 19 -6.89 3.38 -2.13
C TYR A 19 -8.15 3.44 -1.26
N MET A 20 -8.40 2.36 -0.52
CA MET A 20 -9.56 2.29 0.36
C MET A 20 -9.64 3.51 1.26
N LEU A 21 -8.61 3.68 2.09
CA LEU A 21 -8.56 4.80 3.02
C LEU A 21 -8.54 6.13 2.27
N GLY A 22 -8.06 6.10 1.03
CA GLY A 22 -8.00 7.30 0.22
C GLY A 22 -9.38 7.74 -0.26
N SER A 23 -10.10 6.83 -0.90
CA SER A 23 -11.43 7.13 -1.42
C SER A 23 -12.44 7.20 -0.27
N ALA A 24 -12.18 6.46 0.80
CA ALA A 24 -13.08 6.44 1.95
C ALA A 24 -13.11 7.80 2.64
N MET A 25 -11.94 8.39 2.82
CA MET A 25 -11.83 9.70 3.46
C MET A 25 -12.19 10.82 2.49
N SER A 26 -11.99 10.56 1.19
CA SER A 26 -12.28 11.55 0.17
C SER A 26 -13.79 11.69 -0.02
N ARG A 27 -14.51 10.60 0.17
CA ARG A 27 -15.96 10.61 0.01
C ARG A 27 -16.65 10.98 1.32
N LYS A 1 19.00 -9.19 2.19
CA LYS A 1 18.22 -8.81 1.01
C LYS A 1 16.74 -8.79 1.33
N HIS A 2 16.40 -8.45 2.57
CA HIS A 2 15.01 -8.39 3.01
C HIS A 2 14.31 -7.17 2.43
N MET A 3 15.05 -6.39 1.65
CA MET A 3 14.50 -5.17 1.05
C MET A 3 13.43 -5.53 0.03
N ALA A 4 13.57 -6.67 -0.62
CA ALA A 4 12.60 -7.13 -1.62
C ALA A 4 11.30 -7.56 -0.95
N GLY A 5 11.41 -8.20 0.20
CA GLY A 5 10.24 -8.66 0.91
C GLY A 5 9.46 -7.52 1.55
N ALA A 6 10.17 -6.63 2.23
CA ALA A 6 9.54 -5.49 2.88
C ALA A 6 8.97 -4.52 1.85
N ALA A 7 9.67 -4.36 0.74
CA ALA A 7 9.23 -3.46 -0.32
C ALA A 7 8.00 -4.01 -1.04
N ALA A 8 8.01 -5.32 -1.28
CA ALA A 8 6.89 -5.97 -1.97
C ALA A 8 5.64 -5.94 -1.12
N ALA A 9 5.78 -6.29 0.16
CA ALA A 9 4.65 -6.28 1.08
C ALA A 9 4.17 -4.87 1.37
N GLY A 10 5.12 -3.94 1.47
CA GLY A 10 4.78 -2.55 1.74
C GLY A 10 4.13 -1.87 0.55
N ALA A 11 4.61 -2.21 -0.65
CA ALA A 11 4.08 -1.63 -1.88
C ALA A 11 2.66 -2.11 -2.15
N VAL A 12 2.44 -3.41 -1.97
CA VAL A 12 1.12 -4.00 -2.20
C VAL A 12 0.10 -3.46 -1.20
N VAL A 13 0.42 -3.58 0.08
CA VAL A 13 -0.48 -3.11 1.14
C VAL A 13 -0.69 -1.60 1.04
N GLY A 14 0.37 -0.87 0.72
CA GLY A 14 0.26 0.57 0.59
C GLY A 14 -0.65 0.99 -0.55
N GLY A 15 -0.68 0.19 -1.60
CA GLY A 15 -1.50 0.50 -2.75
C GLY A 15 -2.98 0.31 -2.46
N LEU A 16 -3.33 -0.84 -1.92
CA LEU A 16 -4.72 -1.15 -1.60
C LEU A 16 -5.19 -0.33 -0.39
N GLY A 17 -4.32 -0.22 0.61
CA GLY A 17 -4.67 0.55 1.80
C GLY A 17 -4.77 2.03 1.52
N GLY A 18 -3.86 2.55 0.71
CA GLY A 18 -3.87 3.96 0.39
C GLY A 18 -5.08 4.37 -0.44
N TYR A 19 -5.54 3.44 -1.28
CA TYR A 19 -6.70 3.70 -2.13
C TYR A 19 -7.99 3.77 -1.31
N MET A 20 -8.29 2.68 -0.63
CA MET A 20 -9.50 2.61 0.20
C MET A 20 -9.56 3.79 1.17
N LEU A 21 -8.56 3.89 2.04
CA LEU A 21 -8.50 4.97 3.01
C LEU A 21 -8.41 6.32 2.32
N GLY A 22 -7.88 6.33 1.10
CA GLY A 22 -7.76 7.56 0.35
C GLY A 22 -9.10 8.07 -0.16
N SER A 23 -9.82 7.21 -0.86
CA SER A 23 -11.12 7.59 -1.41
C SER A 23 -12.18 7.64 -0.31
N ALA A 24 -11.99 6.85 0.73
CA ALA A 24 -12.91 6.81 1.86
C ALA A 24 -12.93 8.14 2.60
N MET A 25 -11.74 8.68 2.85
CA MET A 25 -11.61 9.95 3.56
C MET A 25 -11.89 11.12 2.62
N SER A 26 -11.66 10.92 1.34
CA SER A 26 -11.88 11.96 0.34
C SER A 26 -13.37 12.17 0.10
N ARG A 27 -14.14 11.10 0.22
CA ARG A 27 -15.58 11.16 0.01
C ARG A 27 -16.30 11.46 1.32
N LYS A 1 19.20 -7.22 1.01
CA LYS A 1 18.51 -8.23 0.23
C LYS A 1 17.02 -8.25 0.57
N HIS A 2 16.69 -7.91 1.81
CA HIS A 2 15.30 -7.89 2.26
C HIS A 2 14.56 -6.69 1.67
N MET A 3 15.26 -5.90 0.87
CA MET A 3 14.67 -4.72 0.26
C MET A 3 13.58 -5.12 -0.74
N ALA A 4 13.77 -6.27 -1.38
CA ALA A 4 12.80 -6.77 -2.35
C ALA A 4 11.52 -7.24 -1.66
N GLY A 5 11.67 -7.87 -0.50
CA GLY A 5 10.51 -8.35 0.23
C GLY A 5 9.71 -7.23 0.86
N ALA A 6 10.40 -6.30 1.51
CA ALA A 6 9.75 -5.17 2.16
C ALA A 6 9.13 -4.23 1.12
N ALA A 7 9.81 -4.07 0.00
CA ALA A 7 9.32 -3.21 -1.07
C ALA A 7 8.11 -3.81 -1.76
N ALA A 8 8.16 -5.12 -1.99
CA ALA A 8 7.05 -5.82 -2.64
C ALA A 8 5.80 -5.81 -1.77
N ALA A 9 5.98 -6.13 -0.49
CA ALA A 9 4.86 -6.16 0.45
C ALA A 9 4.33 -4.75 0.72
N GLY A 10 5.26 -3.78 0.78
CA GLY A 10 4.87 -2.41 1.04
C GLY A 10 4.20 -1.76 -0.15
N ALA A 11 4.66 -2.11 -1.35
CA ALA A 11 4.10 -1.56 -2.58
C ALA A 11 2.69 -2.09 -2.83
N VAL A 12 2.51 -3.39 -2.63
CA VAL A 12 1.22 -4.03 -2.82
C VAL A 12 0.19 -3.51 -1.82
N VAL A 13 0.53 -3.60 -0.53
CA VAL A 13 -0.36 -3.14 0.52
C VAL A 13 -0.64 -1.65 0.40
N GLY A 14 0.39 -0.89 0.06
CA GLY A 14 0.25 0.55 -0.09
C GLY A 14 -0.69 0.92 -1.22
N GLY A 15 -0.70 0.10 -2.27
CA GLY A 15 -1.56 0.36 -3.40
C GLY A 15 -3.03 0.14 -3.09
N LEU A 16 -3.34 -1.02 -2.52
CA LEU A 16 -4.71 -1.37 -2.18
C LEU A 16 -5.20 -0.55 -0.98
N GLY A 17 -4.32 -0.38 0.00
CA GLY A 17 -4.67 0.39 1.18
C GLY A 17 -4.83 1.86 0.89
N GLY A 18 -3.94 2.40 0.05
CA GLY A 18 -4.01 3.81 -0.29
C GLY A 18 -5.23 4.15 -1.11
N TYR A 19 -5.68 3.20 -1.92
CA TYR A 19 -6.85 3.41 -2.77
C TYR A 19 -8.13 3.45 -1.92
N MET A 20 -8.40 2.35 -1.23
CA MET A 20 -9.58 2.27 -0.38
C MET A 20 -9.67 3.46 0.57
N LEU A 21 -8.66 3.60 1.43
CA LEU A 21 -8.63 4.69 2.38
C LEU A 21 -8.60 6.04 1.66
N GLY A 22 -8.08 6.05 0.43
CA GLY A 22 -8.01 7.28 -0.33
C GLY A 22 -9.36 7.73 -0.83
N SER A 23 -10.08 6.84 -1.51
CA SER A 23 -11.39 7.16 -2.05
C SER A 23 -12.44 7.21 -0.93
N ALA A 24 -12.20 6.43 0.12
CA ALA A 24 -13.11 6.38 1.25
C ALA A 24 -13.17 7.71 1.98
N MET A 25 -11.99 8.30 2.20
CA MET A 25 -11.90 9.58 2.88
C MET A 25 -12.23 10.74 1.94
N SER A 26 -12.00 10.51 0.65
CA SER A 26 -12.26 11.53 -0.36
C SER A 26 -13.76 11.69 -0.58
N ARG A 27 -14.50 10.59 -0.44
CA ARG A 27 -15.95 10.61 -0.62
C ARG A 27 -16.31 11.05 -2.04
N LYS A 1 19.18 -7.01 0.81
CA LYS A 1 18.52 -8.17 0.22
C LYS A 1 17.04 -8.19 0.57
N HIS A 2 16.73 -7.82 1.81
CA HIS A 2 15.34 -7.79 2.27
C HIS A 2 14.59 -6.61 1.66
N MET A 3 15.28 -5.83 0.83
CA MET A 3 14.68 -4.68 0.19
C MET A 3 13.59 -5.10 -0.79
N ALA A 4 13.76 -6.27 -1.39
CA ALA A 4 12.80 -6.80 -2.35
C ALA A 4 11.52 -7.25 -1.64
N GLY A 5 11.68 -7.84 -0.47
CA GLY A 5 10.53 -8.31 0.29
C GLY A 5 9.73 -7.18 0.90
N ALA A 6 10.43 -6.23 1.52
CA ALA A 6 9.78 -5.09 2.15
C ALA A 6 9.14 -4.18 1.09
N ALA A 7 9.81 -4.04 -0.04
CA ALA A 7 9.32 -3.20 -1.13
C ALA A 7 8.09 -3.84 -1.80
N ALA A 8 8.15 -5.15 -1.99
CA ALA A 8 7.05 -5.87 -2.61
C ALA A 8 5.80 -5.84 -1.73
N ALA A 9 5.98 -6.13 -0.45
CA ALA A 9 4.88 -6.13 0.50
C ALA A 9 4.36 -4.71 0.74
N GLY A 10 5.28 -3.75 0.78
CA GLY A 10 4.89 -2.38 1.01
C GLY A 10 4.20 -1.76 -0.20
N ALA A 11 4.66 -2.13 -1.39
CA ALA A 11 4.08 -1.60 -2.62
C ALA A 11 2.67 -2.14 -2.84
N VAL A 12 2.50 -3.45 -2.60
CA VAL A 12 1.19 -4.08 -2.78
C VAL A 12 0.18 -3.53 -1.77
N VAL A 13 0.53 -3.59 -0.49
CA VAL A 13 -0.35 -3.10 0.56
C VAL A 13 -0.62 -1.61 0.40
N GLY A 14 0.41 -0.86 0.03
CA GLY A 14 0.26 0.57 -0.15
C GLY A 14 -0.69 0.91 -1.28
N GLY A 15 -0.71 0.06 -2.31
CA GLY A 15 -1.59 0.30 -3.45
C GLY A 15 -3.05 0.08 -3.11
N LEU A 16 -3.35 -1.06 -2.52
CA LEU A 16 -4.72 -1.39 -2.15
C LEU A 16 -5.19 -0.54 -0.97
N GLY A 17 -4.30 -0.35 0.00
CA GLY A 17 -4.64 0.45 1.17
C GLY A 17 -4.80 1.92 0.83
N GLY A 18 -3.92 2.43 -0.02
CA GLY A 18 -3.98 3.82 -0.40
C GLY A 18 -5.22 4.15 -1.22
N TYR A 19 -5.68 3.18 -2.01
CA TYR A 19 -6.86 3.37 -2.84
C TYR A 19 -8.13 3.44 -1.99
N MET A 20 -8.39 2.36 -1.25
CA MET A 20 -9.57 2.30 -0.40
C MET A 20 -9.64 3.51 0.52
N LEU A 21 -8.63 3.68 1.35
CA LEU A 21 -8.58 4.80 2.29
C LEU A 21 -8.55 6.13 1.54
N GLY A 22 -8.05 6.10 0.30
CA GLY A 22 -7.99 7.30 -0.50
C GLY A 22 -9.34 7.75 -1.00
N SER A 23 -10.05 6.84 -1.65
CA SER A 23 -11.38 7.15 -2.18
C SER A 23 -12.42 7.23 -1.06
N ALA A 24 -12.17 6.48 0.01
CA ALA A 24 -13.07 6.46 1.16
C ALA A 24 -13.12 7.82 1.85
N MET A 25 -11.94 8.41 2.05
CA MET A 25 -11.84 9.71 2.70
C MET A 25 -12.17 10.84 1.73
N SER A 26 -11.95 10.58 0.43
CA SER A 26 -12.23 11.57 -0.60
C SER A 26 -13.73 11.73 -0.81
N ARG A 27 -14.47 10.64 -0.63
CA ARG A 27 -15.91 10.65 -0.81
C ARG A 27 -16.28 11.02 -2.24
N LYS A 1 19.25 -8.36 1.71
CA LYS A 1 18.42 -8.23 0.51
C LYS A 1 16.95 -8.13 0.89
N HIS A 2 16.68 -7.66 2.10
CA HIS A 2 15.30 -7.52 2.58
C HIS A 2 14.62 -6.33 1.91
N MET A 3 15.34 -5.65 1.03
CA MET A 3 14.80 -4.49 0.32
C MET A 3 13.68 -4.91 -0.63
N ALA A 4 13.85 -6.07 -1.26
CA ALA A 4 12.87 -6.58 -2.20
C ALA A 4 11.61 -7.05 -1.47
N GLY A 5 11.81 -7.66 -0.30
CA GLY A 5 10.69 -8.15 0.48
C GLY A 5 9.89 -7.03 1.11
N ALA A 6 10.58 -6.08 1.73
CA ALA A 6 9.93 -4.96 2.37
C ALA A 6 9.27 -4.04 1.35
N ALA A 7 9.92 -3.89 0.19
CA ALA A 7 9.39 -3.04 -0.87
C ALA A 7 8.17 -3.67 -1.52
N ALA A 8 8.22 -4.99 -1.73
CA ALA A 8 7.12 -5.70 -2.34
C ALA A 8 5.88 -5.70 -1.42
N ALA A 9 6.09 -5.99 -0.16
CA ALA A 9 5.01 -6.01 0.82
C ALA A 9 4.48 -4.61 1.09
N GLY A 10 5.40 -3.64 1.12
CA GLY A 10 5.01 -2.27 1.37
C GLY A 10 4.29 -1.63 0.19
N ALA A 11 4.72 -2.00 -1.01
CA ALA A 11 4.12 -1.46 -2.23
C ALA A 11 2.71 -2.01 -2.43
N VAL A 12 2.54 -3.30 -2.20
CA VAL A 12 1.25 -3.95 -2.35
C VAL A 12 0.25 -3.43 -1.33
N VAL A 13 0.63 -3.49 -0.05
CA VAL A 13 -0.24 -3.03 1.03
C VAL A 13 -0.53 -1.53 0.89
N GLY A 14 0.49 -0.77 0.50
CA GLY A 14 0.33 0.66 0.34
C GLY A 14 -0.63 1.01 -0.77
N GLY A 15 -0.68 0.18 -1.81
CA GLY A 15 -1.57 0.42 -2.92
C GLY A 15 -3.02 0.19 -2.56
N LEU A 16 -3.31 -0.97 -1.97
CA LEU A 16 -4.67 -1.31 -1.58
C LEU A 16 -5.13 -0.48 -0.38
N GLY A 17 -4.22 -0.28 0.57
CA GLY A 17 -4.54 0.49 1.76
C GLY A 17 -4.72 1.97 1.45
N GLY A 18 -3.85 2.49 0.58
CA GLY A 18 -3.93 3.89 0.21
C GLY A 18 -5.19 4.22 -0.57
N TYR A 19 -5.65 3.26 -1.36
CA TYR A 19 -6.85 3.45 -2.17
C TYR A 19 -8.10 3.49 -1.29
N MET A 20 -8.35 2.41 -0.56
CA MET A 20 -9.51 2.33 0.31
C MET A 20 -9.57 3.53 1.25
N LEU A 21 -8.54 3.70 2.07
CA LEU A 21 -8.47 4.81 3.01
C LEU A 21 -8.47 6.14 2.27
N GLY A 22 -7.99 6.13 1.03
CA GLY A 22 -7.95 7.34 0.24
C GLY A 22 -9.32 7.79 -0.22
N SER A 23 -10.05 6.88 -0.87
CA SER A 23 -11.39 7.20 -1.37
C SER A 23 -12.39 7.25 -0.23
N ALA A 24 -12.12 6.49 0.83
CA ALA A 24 -13.00 6.46 1.99
C ALA A 24 -13.04 7.80 2.69
N MET A 25 -11.87 8.40 2.87
CA MET A 25 -11.75 9.69 3.54
C MET A 25 -12.12 10.83 2.59
N SER A 26 -11.93 10.59 1.30
CA SER A 26 -12.23 11.59 0.27
C SER A 26 -13.74 11.74 0.10
N ARG A 27 -14.46 10.64 0.28
CA ARG A 27 -15.92 10.64 0.14
C ARG A 27 -16.57 11.45 1.25
N LYS A 1 19.03 -6.96 0.04
CA LYS A 1 18.39 -8.17 -0.45
C LYS A 1 16.92 -8.22 -0.05
N HIS A 2 16.65 -7.90 1.22
CA HIS A 2 15.29 -7.91 1.73
C HIS A 2 14.52 -6.69 1.21
N MET A 3 15.17 -5.88 0.40
CA MET A 3 14.54 -4.69 -0.17
C MET A 3 13.41 -5.07 -1.12
N ALA A 4 13.56 -6.21 -1.79
CA ALA A 4 12.56 -6.70 -2.72
C ALA A 4 11.31 -7.18 -1.99
N GLY A 5 11.52 -7.83 -0.85
CA GLY A 5 10.41 -8.34 -0.07
C GLY A 5 9.63 -7.24 0.62
N ALA A 6 10.35 -6.32 1.25
CA ALA A 6 9.71 -5.20 1.96
C ALA A 6 9.05 -4.26 0.98
N ALA A 7 9.67 -4.06 -0.17
CA ALA A 7 9.13 -3.18 -1.19
C ALA A 7 7.88 -3.77 -1.84
N ALA A 8 7.93 -5.07 -2.10
CA ALA A 8 6.80 -5.77 -2.71
C ALA A 8 5.59 -5.79 -1.79
N ALA A 9 5.82 -6.13 -0.53
CA ALA A 9 4.75 -6.19 0.46
C ALA A 9 4.25 -4.79 0.80
N GLY A 10 5.16 -3.83 0.84
CA GLY A 10 4.79 -2.46 1.16
C GLY A 10 4.06 -1.79 0.02
N ALA A 11 4.45 -2.10 -1.22
CA ALA A 11 3.83 -1.52 -2.39
C ALA A 11 2.42 -2.06 -2.58
N VAL A 12 2.25 -3.36 -2.40
CA VAL A 12 0.95 -3.99 -2.55
C VAL A 12 -0.03 -3.50 -1.49
N VAL A 13 0.37 -3.61 -0.23
CA VAL A 13 -0.47 -3.18 0.89
C VAL A 13 -0.75 -1.69 0.80
N GLY A 14 0.26 -0.92 0.43
CA GLY A 14 0.10 0.53 0.33
C GLY A 14 -0.88 0.92 -0.75
N GLY A 15 -0.95 0.12 -1.81
CA GLY A 15 -1.86 0.41 -2.90
C GLY A 15 -3.31 0.17 -2.53
N LEU A 16 -3.60 -1.00 -1.96
CA LEU A 16 -4.94 -1.35 -1.56
C LEU A 16 -5.37 -0.56 -0.34
N GLY A 17 -4.44 -0.42 0.61
CA GLY A 17 -4.74 0.33 1.83
C GLY A 17 -4.91 1.81 1.58
N GLY A 18 -4.07 2.36 0.71
CA GLY A 18 -4.15 3.78 0.41
C GLY A 18 -5.41 4.13 -0.35
N TYR A 19 -5.90 3.21 -1.16
CA TYR A 19 -7.12 3.43 -1.94
C TYR A 19 -8.34 3.45 -1.04
N MET A 20 -8.58 2.34 -0.34
CA MET A 20 -9.72 2.23 0.56
C MET A 20 -9.76 3.40 1.53
N LEU A 21 -8.72 3.52 2.34
CA LEU A 21 -8.63 4.60 3.32
C LEU A 21 -8.63 5.96 2.64
N GLY A 22 -8.18 5.98 1.38
CA GLY A 22 -8.14 7.24 0.64
C GLY A 22 -9.51 7.71 0.22
N SER A 23 -10.26 6.83 -0.44
CA SER A 23 -11.60 7.17 -0.91
C SER A 23 -12.59 7.19 0.25
N ALA A 24 -12.31 6.38 1.27
CA ALA A 24 -13.17 6.31 2.44
C ALA A 24 -13.16 7.62 3.21
N MET A 25 -11.98 8.18 3.39
CA MET A 25 -11.84 9.45 4.12
C MET A 25 -12.20 10.63 3.23
N SER A 26 -12.04 10.45 1.91
CA SER A 26 -12.35 11.50 0.96
C SER A 26 -13.86 11.68 0.81
N ARG A 27 -14.59 10.58 0.96
CA ARG A 27 -16.05 10.61 0.84
C ARG A 27 -16.68 9.47 1.63
N LYS A 1 19.23 -8.47 2.20
CA LYS A 1 18.49 -8.32 0.96
C LYS A 1 16.98 -8.37 1.22
N HIS A 2 16.59 -8.09 2.46
CA HIS A 2 15.18 -8.10 2.83
C HIS A 2 14.46 -6.87 2.27
N MET A 3 15.21 -6.03 1.55
CA MET A 3 14.64 -4.82 0.97
C MET A 3 13.62 -5.17 -0.10
N ALA A 4 13.83 -6.29 -0.79
CA ALA A 4 12.92 -6.74 -1.84
C ALA A 4 11.61 -7.24 -1.25
N GLY A 5 11.69 -7.92 -0.11
CA GLY A 5 10.50 -8.45 0.53
C GLY A 5 9.67 -7.36 1.17
N ALA A 6 10.32 -6.47 1.91
CA ALA A 6 9.63 -5.37 2.58
C ALA A 6 9.06 -4.38 1.56
N ALA A 7 9.80 -4.16 0.49
CA ALA A 7 9.37 -3.24 -0.55
C ALA A 7 8.20 -3.80 -1.34
N ALA A 8 8.25 -5.10 -1.64
CA ALA A 8 7.19 -5.77 -2.39
C ALA A 8 5.90 -5.81 -1.59
N ALA A 9 6.00 -6.19 -0.32
CA ALA A 9 4.84 -6.26 0.56
C ALA A 9 4.30 -4.87 0.89
N GLY A 10 5.21 -3.92 1.05
CA GLY A 10 4.82 -2.56 1.36
C GLY A 10 4.21 -1.84 0.17
N ALA A 11 4.72 -2.13 -1.01
CA ALA A 11 4.23 -1.50 -2.24
C ALA A 11 2.84 -2.02 -2.58
N VAL A 12 2.65 -3.33 -2.46
CA VAL A 12 1.36 -3.95 -2.76
C VAL A 12 0.29 -3.48 -1.78
N VAL A 13 0.55 -3.64 -0.49
CA VAL A 13 -0.39 -3.23 0.54
C VAL A 13 -0.66 -1.73 0.48
N GLY A 14 0.39 -0.95 0.24
CA GLY A 14 0.26 0.49 0.16
C GLY A 14 -0.62 0.92 -1.00
N GLY A 15 -0.58 0.15 -2.09
CA GLY A 15 -1.37 0.48 -3.26
C GLY A 15 -2.86 0.25 -3.03
N LEU A 16 -3.19 -0.94 -2.55
CA LEU A 16 -4.59 -1.30 -2.29
C LEU A 16 -5.12 -0.54 -1.09
N GLY A 17 -4.31 -0.43 -0.04
CA GLY A 17 -4.72 0.27 1.16
C GLY A 17 -4.86 1.77 0.93
N GLY A 18 -3.94 2.34 0.18
CA GLY A 18 -3.97 3.76 -0.10
C GLY A 18 -5.15 4.16 -0.97
N TYR A 19 -5.56 3.25 -1.85
CA TYR A 19 -6.69 3.51 -2.74
C TYR A 19 -8.00 3.51 -1.97
N MET A 20 -8.31 2.39 -1.34
CA MET A 20 -9.54 2.26 -0.56
C MET A 20 -9.68 3.39 0.45
N LEU A 21 -8.71 3.48 1.37
CA LEU A 21 -8.72 4.53 2.38
C LEU A 21 -8.63 5.91 1.74
N GLY A 22 -8.07 5.97 0.54
CA GLY A 22 -7.94 7.24 -0.15
C GLY A 22 -9.27 7.74 -0.69
N SER A 23 -9.95 6.89 -1.45
CA SER A 23 -11.24 7.26 -2.03
C SER A 23 -12.33 7.25 -0.97
N ALA A 24 -12.17 6.40 0.03
CA ALA A 24 -13.14 6.29 1.11
C ALA A 24 -13.20 7.57 1.93
N MET A 25 -12.04 8.12 2.25
CA MET A 25 -11.95 9.35 3.03
C MET A 25 -12.22 10.57 2.15
N SER A 26 -11.92 10.44 0.87
CA SER A 26 -12.12 11.53 -0.08
C SER A 26 -13.61 11.74 -0.37
N ARG A 27 -14.36 10.64 -0.34
CA ARG A 27 -15.79 10.69 -0.60
C ARG A 27 -16.07 11.22 -2.01
N LYS A 1 19.07 -8.49 2.44
CA LYS A 1 18.30 -8.29 1.20
C LYS A 1 16.81 -8.19 1.51
N HIS A 2 16.48 -7.73 2.70
CA HIS A 2 15.08 -7.58 3.11
C HIS A 2 14.44 -6.39 2.41
N MET A 3 15.21 -5.71 1.57
CA MET A 3 14.71 -4.55 0.83
C MET A 3 13.65 -4.96 -0.17
N ALA A 4 13.85 -6.11 -0.80
CA ALA A 4 12.91 -6.61 -1.79
C ALA A 4 11.61 -7.09 -1.12
N GLY A 5 11.75 -7.71 0.04
CA GLY A 5 10.59 -8.20 0.75
C GLY A 5 9.76 -7.09 1.35
N ALA A 6 10.42 -6.13 2.01
CA ALA A 6 9.73 -5.01 2.62
C ALA A 6 9.13 -4.09 1.56
N ALA A 7 9.84 -3.94 0.46
CA ALA A 7 9.38 -3.09 -0.63
C ALA A 7 8.19 -3.71 -1.35
N ALA A 8 8.25 -5.02 -1.56
CA ALA A 8 7.18 -5.73 -2.23
C ALA A 8 5.90 -5.73 -1.40
N ALA A 9 6.04 -6.04 -0.10
CA ALA A 9 4.90 -6.06 0.80
C ALA A 9 4.36 -4.66 1.05
N GLY A 10 5.27 -3.68 1.12
CA GLY A 10 4.86 -2.31 1.36
C GLY A 10 4.21 -1.69 0.14
N ALA A 11 4.72 -2.04 -1.04
CA ALA A 11 4.18 -1.50 -2.29
C ALA A 11 2.78 -2.05 -2.56
N VAL A 12 2.61 -3.35 -2.35
CA VAL A 12 1.32 -4.00 -2.58
C VAL A 12 0.26 -3.49 -1.61
N VAL A 13 0.57 -3.56 -0.31
CA VAL A 13 -0.34 -3.10 0.72
C VAL A 13 -0.64 -1.60 0.57
N GLY A 14 0.40 -0.84 0.25
CA GLY A 14 0.24 0.60 0.08
C GLY A 14 -0.67 0.95 -1.08
N GLY A 15 -0.65 0.11 -2.12
CA GLY A 15 -1.49 0.36 -3.29
C GLY A 15 -2.96 0.11 -3.00
N LEU A 16 -3.27 -1.04 -2.43
CA LEU A 16 -4.65 -1.40 -2.11
C LEU A 16 -5.16 -0.56 -0.94
N GLY A 17 -4.31 -0.38 0.07
CA GLY A 17 -4.71 0.40 1.23
C GLY A 17 -4.87 1.87 0.91
N GLY A 18 -3.96 2.41 0.10
CA GLY A 18 -4.04 3.80 -0.27
C GLY A 18 -5.24 4.12 -1.12
N TYR A 19 -5.67 3.17 -1.93
CA TYR A 19 -6.81 3.35 -2.81
C TYR A 19 -8.12 3.39 -2.00
N MET A 20 -8.39 2.30 -1.29
CA MET A 20 -9.59 2.21 -0.48
C MET A 20 -9.72 3.41 0.46
N LEU A 21 -8.73 3.58 1.33
CA LEU A 21 -8.73 4.68 2.28
C LEU A 21 -8.68 6.02 1.55
N GLY A 22 -8.15 6.01 0.34
CA GLY A 22 -8.05 7.23 -0.45
C GLY A 22 -9.40 7.68 -0.98
N SER A 23 -10.09 6.77 -1.67
CA SER A 23 -11.39 7.08 -2.24
C SER A 23 -12.47 7.13 -1.15
N ALA A 24 -12.26 6.35 -0.09
CA ALA A 24 -13.20 6.31 1.02
C ALA A 24 -13.27 7.65 1.74
N MET A 25 -12.10 8.23 1.99
CA MET A 25 -12.03 9.53 2.67
C MET A 25 -12.33 10.66 1.71
N SER A 26 -12.07 10.44 0.43
CA SER A 26 -12.31 11.46 -0.59
C SER A 26 -13.81 11.62 -0.85
N ARG A 27 -14.54 10.52 -0.71
CA ARG A 27 -15.99 10.53 -0.94
C ARG A 27 -16.32 10.91 -2.39
N LYS A 1 19.23 -9.23 1.80
CA LYS A 1 18.51 -8.24 1.00
C LYS A 1 17.01 -8.28 1.31
N HIS A 2 16.66 -7.95 2.55
CA HIS A 2 15.27 -7.94 2.97
C HIS A 2 14.54 -6.73 2.39
N MET A 3 15.26 -5.92 1.61
CA MET A 3 14.68 -4.73 1.01
C MET A 3 13.62 -5.10 -0.02
N ALA A 4 13.80 -6.26 -0.67
CA ALA A 4 12.85 -6.72 -1.67
C ALA A 4 11.56 -7.21 -1.02
N GLY A 5 11.69 -7.84 0.14
CA GLY A 5 10.52 -8.34 0.84
C GLY A 5 9.70 -7.22 1.47
N ALA A 6 10.39 -6.31 2.16
CA ALA A 6 9.72 -5.19 2.81
C ALA A 6 9.12 -4.23 1.78
N ALA A 7 9.83 -4.05 0.67
CA ALA A 7 9.36 -3.17 -0.40
C ALA A 7 8.16 -3.76 -1.13
N ALA A 8 8.21 -5.06 -1.37
CA ALA A 8 7.12 -5.75 -2.06
C ALA A 8 5.85 -5.75 -1.21
N ALA A 9 5.99 -6.09 0.06
CA ALA A 9 4.86 -6.13 0.97
C ALA A 9 4.35 -4.73 1.26
N GLY A 10 5.26 -3.77 1.36
CA GLY A 10 4.88 -2.39 1.65
C GLY A 10 4.23 -1.72 0.46
N ALA A 11 4.72 -2.05 -0.73
CA ALA A 11 4.18 -1.47 -1.97
C ALA A 11 2.78 -1.99 -2.25
N VAL A 12 2.58 -3.29 -2.07
CA VAL A 12 1.29 -3.91 -2.31
C VAL A 12 0.25 -3.40 -1.32
N VAL A 13 0.56 -3.51 -0.02
CA VAL A 13 -0.35 -3.07 1.03
C VAL A 13 -0.61 -1.57 0.92
N GLY A 14 0.44 -0.81 0.61
CA GLY A 14 0.30 0.63 0.49
C GLY A 14 -0.60 1.03 -0.66
N GLY A 15 -0.61 0.22 -1.72
CA GLY A 15 -1.44 0.51 -2.87
C GLY A 15 -2.92 0.29 -2.58
N LEU A 16 -3.25 -0.87 -2.04
CA LEU A 16 -4.62 -1.21 -1.74
C LEU A 16 -5.13 -0.41 -0.54
N GLY A 17 -4.26 -0.26 0.47
CA GLY A 17 -4.63 0.48 1.66
C GLY A 17 -4.77 1.97 1.39
N GLY A 18 -3.87 2.50 0.58
CA GLY A 18 -3.91 3.92 0.26
C GLY A 18 -5.12 4.29 -0.58
N TYR A 19 -5.56 3.36 -1.41
CA TYR A 19 -6.72 3.59 -2.27
C TYR A 19 -8.00 3.63 -1.47
N MET A 20 -8.30 2.53 -0.79
CA MET A 20 -9.50 2.44 0.03
C MET A 20 -9.60 3.61 1.00
N LEU A 21 -8.60 3.73 1.88
CA LEU A 21 -8.58 4.81 2.86
C LEU A 21 -8.52 6.18 2.17
N GLY A 22 -7.99 6.20 0.94
CA GLY A 22 -7.89 7.43 0.19
C GLY A 22 -9.23 7.91 -0.32
N SER A 23 -9.93 7.03 -1.03
CA SER A 23 -11.23 7.37 -1.58
C SER A 23 -12.30 7.41 -0.49
N ALA A 24 -12.10 6.60 0.54
CA ALA A 24 -13.05 6.55 1.65
C ALA A 24 -13.10 7.87 2.40
N MET A 25 -11.92 8.45 2.65
CA MET A 25 -11.84 9.73 3.36
C MET A 25 -12.15 10.89 2.42
N SER A 26 -11.93 10.67 1.12
CA SER A 26 -12.18 11.70 0.13
C SER A 26 -13.68 11.92 -0.06
N ARG A 27 -14.46 10.87 0.19
CA ARG A 27 -15.91 10.95 0.04
C ARG A 27 -16.44 12.28 0.60
#